data_7RHZ
#
_entry.id   7RHZ
#
loop_
_entity.id
_entity.type
_entity.pdbx_description
1 polymer 'Recombinase cre'
2 polymer 'Recombinase cre'
3 polymer 'DNA (44-MER)'
4 polymer 'DNA (44-MER)'
#
loop_
_entity_poly.entity_id
_entity_poly.type
_entity_poly.pdbx_seq_one_letter_code
_entity_poly.pdbx_strand_id
1 'polypeptide(L)'
;MSNLLTVHQNLPALPVDATSDEVRKNLMDMFRARQVFSEHTWKMLLSVCRSWAAWCKLNNRKWFPAEPEDVRDYLLYLQA
RGLAVKTIQQHLGQLNMLHRRSGLPRPSDSNAVSLVMRRIRKENVDAGERAKQALAFERTDFDQVRSLMENSDRCQDIRN
LAFLGIAYNTLLRIAEIARIRVKDISRTDGGAMLIHIGRTKTLVSTAGVEKALSLGVTKLVERWISVSGVADDPNNYLFC
RVRKNGVAAPSATSQLSTRALEGIFEATHRLIYGAKDDSGQRYLAWSGHSARVGAARDMARAGVSIPEIMQAGGWTNVNI
VMNYIRNLDSETGAMVRLLEDGD
;
A
2 'polypeptide(L)'
;MSNLLTVHQNLPALPVDATSDEVRKNLMDMFRDRQAFSEHTWKMLLSVCRSWAAWCKLNNRKWFPAEPEDVEDYLLYLQA
RGLAVKTIQQHLGQLNMLHRRSGLPRPSDSNAVSDVMRDIRKENVDAGERAKQALAFERTDFDQVRSLMENSDRCQDIRN
LAFLGIAYNTLLRIAEIARIRVKDISRTDGGRMLIHIGRTKTLVSTAGVEKALSLGVTKLVERWISVSGVADDPNNYLFC
RVRKNGVAAPSATSQLSTRALEGIFEATHRLIYGAKDDSGQRYLAWSGHSARVGAARDMARAGVSIPEIMQAGGWTNVNI
VMNYIRNLDSETGAMVRLLEDGD
;
B
3 'polydeoxyribonucleotide'
;(DG)(DC)(DC)(DG)(DC)(DA)(DT)(DA)(DA)(DC)(DT)(DT)(DC)(DG)(DT)(DA)(DT)(DA)(DG)(DC)
(DA)(DT)(DA)(DC)(DA)(DT)(DT)(DA)(DT)(DA)(DC)(DG)(DA)(DA)(DG)(DT)(DT)(DA)(DT)(DC)
(DG)(DC)(DC)(DG)
;
C
4 'polydeoxyribonucleotide'
;(DC)(DG)(DG)(DC)(DG)(DA)(DT)(DA)(DA)(DC)(DT)(DT)(DC)(DG)(DT)(DA)(DT)(DA)(DA)(DT)
(DG)(DT)(DA)(DT)(DG)(DC)(DT)(DA)(DT)(DA)(DC)(DG)(DA)(DA)(DG)(DT)(DT)(DA)(DT)(DG)
(DC)(DG)(DG)(DC)
;
D
#
# COMPACT_ATOMS: atom_id res chain seq x y z
N SER A 20 -10.04 -30.47 28.34
CA SER A 20 -9.06 -30.89 27.30
C SER A 20 -9.64 -32.02 26.45
N ASP A 21 -10.02 -33.11 27.12
CA ASP A 21 -10.47 -34.28 26.37
C ASP A 21 -11.68 -33.92 25.49
N GLU A 22 -12.45 -32.91 25.89
CA GLU A 22 -13.56 -32.45 25.05
C GLU A 22 -13.06 -31.90 23.73
N VAL A 23 -12.08 -30.98 23.78
CA VAL A 23 -11.50 -30.45 22.54
C VAL A 23 -10.72 -31.52 21.80
N ARG A 24 -9.99 -32.37 22.52
CA ARG A 24 -9.31 -33.48 21.85
C ARG A 24 -10.28 -34.32 21.03
N LYS A 25 -11.36 -34.76 21.67
CA LYS A 25 -12.37 -35.56 20.98
C LYS A 25 -12.97 -34.81 19.81
N ASN A 26 -13.34 -33.55 20.01
CA ASN A 26 -13.97 -32.79 18.92
C ASN A 26 -13.01 -32.63 17.74
N LEU A 27 -11.74 -32.33 18.01
CA LEU A 27 -10.76 -32.21 16.94
C LEU A 27 -10.49 -33.53 16.25
N MET A 28 -10.54 -34.64 16.98
CA MET A 28 -10.42 -35.94 16.32
C MET A 28 -11.64 -36.24 15.45
N ASP A 29 -12.83 -35.87 15.92
CA ASP A 29 -14.04 -36.00 15.11
C ASP A 29 -13.98 -35.16 13.84
N MET A 30 -13.38 -33.98 13.93
CA MET A 30 -13.11 -33.19 12.72
C MET A 30 -12.07 -33.87 11.82
N PHE A 31 -10.99 -34.36 12.41
CA PHE A 31 -9.95 -35.03 11.64
C PHE A 31 -10.51 -36.24 10.91
N ARG A 32 -11.54 -36.86 11.48
CA ARG A 32 -12.24 -37.95 10.80
C ARG A 32 -12.92 -37.48 9.52
N ALA A 33 -13.05 -36.18 9.30
CA ALA A 33 -13.38 -35.68 7.97
C ALA A 33 -12.21 -35.78 7.01
N ARG A 34 -11.02 -36.09 7.51
CA ARG A 34 -9.80 -36.31 6.73
C ARG A 34 -9.33 -35.05 6.00
N GLN A 35 -9.89 -33.89 6.32
CA GLN A 35 -9.20 -32.64 6.07
C GLN A 35 -8.08 -32.43 7.08
N VAL A 36 -6.93 -32.00 6.61
CA VAL A 36 -5.79 -31.68 7.46
C VAL A 36 -5.27 -30.32 7.04
N PHE A 37 -5.02 -29.46 8.03
CA PHE A 37 -4.57 -28.11 7.80
C PHE A 37 -3.06 -28.10 7.59
N SER A 38 -2.48 -26.91 7.52
CA SER A 38 -1.08 -26.79 7.83
C SER A 38 -0.88 -27.16 9.30
N GLU A 39 0.33 -27.60 9.63
CA GLU A 39 0.62 -27.94 11.02
C GLU A 39 0.50 -26.71 11.91
N HIS A 40 0.97 -25.57 11.51
CA HIS A 40 0.77 -24.32 12.12
C HIS A 40 -0.68 -24.04 12.36
N THR A 41 -1.48 -24.18 11.35
CA THR A 41 -2.88 -24.01 11.36
C THR A 41 -3.57 -24.83 12.42
N TRP A 42 -3.35 -26.14 12.35
CA TRP A 42 -4.04 -27.03 13.28
C TRP A 42 -3.59 -26.81 14.71
N LYS A 43 -2.33 -26.61 14.96
CA LYS A 43 -1.75 -26.21 16.19
C LYS A 43 -2.46 -25.04 16.79
N MET A 44 -2.46 -23.94 16.10
CA MET A 44 -2.99 -22.69 16.48
C MET A 44 -4.47 -22.79 16.78
N LEU A 45 -5.16 -23.52 15.91
CA LEU A 45 -6.57 -23.82 16.12
C LEU A 45 -6.80 -24.49 17.47
N LEU A 46 -6.06 -25.56 17.74
CA LEU A 46 -6.23 -26.25 19.02
C LEU A 46 -5.93 -25.34 20.20
N SER A 47 -4.93 -24.52 20.14
CA SER A 47 -4.58 -23.53 21.09
C SER A 47 -5.71 -22.59 21.39
N VAL A 48 -6.35 -22.07 20.40
CA VAL A 48 -7.51 -21.25 20.47
C VAL A 48 -8.65 -21.95 21.18
N CYS A 49 -8.88 -23.20 20.77
CA CYS A 49 -9.93 -23.99 21.43
C CYS A 49 -9.67 -24.11 22.93
N ARG A 50 -8.42 -24.36 23.30
CA ARG A 50 -8.05 -24.39 24.72
C ARG A 50 -8.36 -23.06 25.39
N SER A 51 -7.90 -21.97 24.89
CA SER A 51 -8.06 -20.66 25.41
C SER A 51 -9.50 -20.30 25.67
N TRP A 52 -10.31 -20.49 24.63
CA TRP A 52 -11.74 -20.25 24.76
C TRP A 52 -12.37 -21.13 25.81
N ALA A 53 -12.16 -22.44 25.73
CA ALA A 53 -12.84 -23.33 26.67
C ALA A 53 -12.45 -22.99 28.11
N ALA A 54 -11.18 -22.67 28.34
CA ALA A 54 -10.73 -22.30 29.68
C ALA A 54 -11.37 -21.01 30.17
N TRP A 55 -11.34 -19.94 29.36
CA TRP A 55 -11.98 -18.70 29.79
C TRP A 55 -13.48 -18.88 30.01
N CYS A 56 -14.13 -19.61 29.11
CA CYS A 56 -15.57 -19.82 29.19
C CYS A 56 -15.95 -20.60 30.44
N LYS A 57 -15.18 -21.65 30.76
CA LYS A 57 -15.40 -22.38 32.00
C LYS A 57 -15.12 -21.51 33.22
N LEU A 58 -14.08 -20.68 33.16
CA LEU A 58 -13.82 -19.74 34.25
C LEU A 58 -15.03 -18.85 34.50
N ASN A 59 -15.71 -18.45 33.45
CA ASN A 59 -16.95 -17.70 33.60
C ASN A 59 -18.14 -18.60 33.87
N ASN A 60 -17.93 -19.91 34.01
CA ASN A 60 -18.98 -20.87 34.28
C ASN A 60 -20.09 -20.77 33.23
N ARG A 61 -19.67 -20.80 31.97
CA ARG A 61 -20.56 -20.79 30.83
C ARG A 61 -20.24 -22.00 29.96
N LYS A 62 -21.24 -22.44 29.20
CA LYS A 62 -21.05 -23.62 28.38
C LYS A 62 -19.92 -23.38 27.38
N TRP A 63 -18.93 -24.27 27.38
CA TRP A 63 -17.71 -24.02 26.63
C TRP A 63 -17.91 -24.20 25.14
N PHE A 64 -18.64 -25.24 24.75
CA PHE A 64 -18.79 -25.62 23.35
C PHE A 64 -19.76 -24.71 22.61
N PRO A 65 -21.00 -24.55 23.06
CA PRO A 65 -21.91 -23.64 22.32
C PRO A 65 -21.63 -22.19 22.69
N ALA A 66 -21.33 -21.39 21.67
CA ALA A 66 -21.00 -19.99 21.85
C ALA A 66 -22.27 -19.15 21.99
N GLU A 67 -22.09 -17.94 22.53
CA GLU A 67 -23.15 -16.94 22.55
C GLU A 67 -22.55 -15.60 22.16
N PRO A 68 -23.22 -14.84 21.30
CA PRO A 68 -22.60 -13.59 20.81
C PRO A 68 -22.28 -12.62 21.92
N GLU A 69 -23.11 -12.55 22.96
CA GLU A 69 -22.78 -11.69 24.08
C GLU A 69 -21.66 -12.28 24.94
N ASP A 70 -21.61 -13.61 25.05
CA ASP A 70 -20.49 -14.25 25.73
C ASP A 70 -19.21 -14.08 24.93
N VAL A 71 -19.27 -14.26 23.62
CA VAL A 71 -18.11 -14.01 22.77
C VAL A 71 -17.68 -12.56 22.88
N ARG A 72 -18.63 -11.63 22.85
CA ARG A 72 -18.32 -10.21 23.01
C ARG A 72 -17.65 -9.94 24.34
N ASP A 73 -18.16 -10.53 25.43
CA ASP A 73 -17.52 -10.40 26.73
C ASP A 73 -16.10 -10.92 26.72
N TYR A 74 -15.82 -12.04 26.12
CA TYR A 74 -14.55 -12.61 25.93
C TYR A 74 -13.62 -11.67 25.18
N LEU A 75 -14.14 -11.15 24.08
CA LEU A 75 -13.39 -10.19 23.28
C LEU A 75 -12.99 -8.98 24.10
N LEU A 76 -13.91 -8.46 24.90
CA LEU A 76 -13.59 -7.30 25.74
C LEU A 76 -12.63 -7.67 26.86
N TYR A 77 -12.73 -8.89 27.37
CA TYR A 77 -11.73 -9.41 28.28
C TYR A 77 -10.34 -9.43 27.65
N LEU A 78 -10.19 -9.86 26.45
CA LEU A 78 -9.02 -9.83 25.67
C LEU A 78 -8.50 -8.44 25.42
N GLN A 79 -9.42 -7.52 25.15
CA GLN A 79 -9.05 -6.12 25.04
C GLN A 79 -8.48 -5.59 26.34
N ALA A 80 -9.04 -6.01 27.47
CA ALA A 80 -8.45 -5.66 28.75
C ALA A 80 -7.10 -6.33 28.94
N ARG A 81 -6.84 -7.46 28.37
CA ARG A 81 -5.58 -8.09 28.23
C ARG A 81 -4.60 -7.34 27.38
N GLY A 82 -5.01 -6.40 26.60
CA GLY A 82 -4.19 -5.62 25.80
C GLY A 82 -3.52 -6.20 24.63
N LEU A 83 -4.01 -7.26 24.10
CA LEU A 83 -3.55 -7.97 22.97
C LEU A 83 -3.58 -7.12 21.72
N ALA A 84 -2.75 -7.35 20.77
CA ALA A 84 -2.77 -6.83 19.45
C ALA A 84 -4.04 -7.18 18.73
N VAL A 85 -4.74 -6.27 18.14
CA VAL A 85 -6.02 -6.39 17.55
C VAL A 85 -6.06 -7.52 16.56
N LYS A 86 -5.03 -7.67 15.79
CA LYS A 86 -4.83 -8.71 14.85
C LYS A 86 -5.02 -10.07 15.45
N THR A 87 -4.56 -10.29 16.63
CA THR A 87 -4.70 -11.47 17.39
C THR A 87 -6.15 -11.81 17.63
N ILE A 88 -6.92 -10.89 18.09
CA ILE A 88 -8.30 -10.97 18.35
C ILE A 88 -9.07 -11.30 17.10
N GLN A 89 -8.81 -10.61 16.05
CA GLN A 89 -9.29 -10.83 14.75
C GLN A 89 -9.03 -12.24 14.29
N GLN A 90 -7.88 -12.76 14.55
CA GLN A 90 -7.46 -14.08 14.29
C GLN A 90 -8.27 -15.10 15.05
N HIS A 91 -8.56 -14.85 16.27
CA HIS A 91 -9.43 -15.58 17.10
C HIS A 91 -10.81 -15.69 16.51
N LEU A 92 -11.35 -14.53 16.15
CA LEU A 92 -12.64 -14.50 15.47
C LEU A 92 -12.63 -15.32 14.19
N GLY A 93 -11.56 -15.20 13.41
CA GLY A 93 -11.41 -16.02 12.23
C GLY A 93 -11.47 -17.50 12.55
N GLN A 94 -10.73 -17.98 13.49
CA GLN A 94 -10.73 -19.30 13.99
C GLN A 94 -12.11 -19.78 14.35
N LEU A 95 -12.84 -18.91 15.05
CA LEU A 95 -14.21 -19.23 15.42
C LEU A 95 -15.13 -19.40 14.23
N ASN A 96 -15.02 -18.50 13.25
CA ASN A 96 -15.83 -18.63 12.04
C ASN A 96 -15.46 -19.85 11.22
N MET A 97 -14.21 -20.17 11.09
CA MET A 97 -13.70 -21.38 10.55
C MET A 97 -14.35 -22.57 11.19
N LEU A 98 -14.32 -22.58 12.51
CA LEU A 98 -14.90 -23.69 13.25
C LEU A 98 -16.38 -23.83 12.94
N HIS A 99 -17.10 -22.71 12.90
CA HIS A 99 -18.50 -22.77 12.50
C HIS A 99 -18.66 -23.39 11.12
N ARG A 100 -17.98 -22.83 10.12
CA ARG A 100 -18.09 -23.32 8.76
C ARG A 100 -17.82 -24.81 8.66
N ARG A 101 -16.67 -25.24 9.20
CA ARG A 101 -16.26 -26.63 9.10
C ARG A 101 -17.04 -27.53 10.03
N SER A 102 -17.54 -26.99 11.14
CA SER A 102 -18.52 -27.71 11.93
C SER A 102 -19.89 -27.72 11.28
N GLY A 103 -20.12 -26.83 10.32
CA GLY A 103 -21.45 -26.66 9.74
C GLY A 103 -22.33 -25.74 10.54
N LEU A 104 -21.80 -25.08 11.56
CA LEU A 104 -22.49 -24.02 12.25
C LEU A 104 -22.42 -22.74 11.43
N PRO A 105 -23.21 -21.73 11.78
CA PRO A 105 -23.16 -20.48 11.00
C PRO A 105 -21.76 -19.91 10.95
N ARG A 106 -21.13 -19.99 9.79
CA ARG A 106 -19.78 -19.48 9.60
C ARG A 106 -19.61 -18.08 10.19
N PRO A 107 -20.43 -17.10 9.84
CA PRO A 107 -20.35 -15.80 10.55
C PRO A 107 -20.97 -15.91 11.93
N SER A 108 -20.19 -15.55 12.94
CA SER A 108 -20.75 -15.07 14.19
C SER A 108 -21.55 -13.79 13.95
N ASP A 109 -22.58 -13.58 14.78
CA ASP A 109 -23.60 -12.58 14.50
C ASP A 109 -22.99 -11.21 14.30
N SER A 110 -23.05 -10.72 13.06
CA SER A 110 -22.10 -9.70 12.61
C SER A 110 -22.33 -8.35 13.27
N ASN A 111 -23.56 -8.03 13.64
CA ASN A 111 -23.82 -6.71 14.21
C ASN A 111 -23.04 -6.50 15.50
N ALA A 112 -23.27 -7.34 16.51
CA ALA A 112 -22.48 -7.22 17.71
C ALA A 112 -21.00 -7.40 17.38
N VAL A 113 -20.71 -8.46 16.61
CA VAL A 113 -19.32 -8.79 16.29
C VAL A 113 -18.66 -7.65 15.53
N SER A 114 -19.28 -7.20 14.45
CA SER A 114 -18.66 -6.15 13.63
C SER A 114 -18.62 -4.82 14.34
N LEU A 115 -19.62 -4.50 15.16
CA LEU A 115 -19.57 -3.27 15.93
C LEU A 115 -18.42 -3.30 16.94
N VAL A 116 -18.24 -4.43 17.61
CA VAL A 116 -17.09 -4.58 18.50
C VAL A 116 -15.79 -4.44 17.73
N MET A 117 -15.71 -5.13 16.59
CA MET A 117 -14.51 -5.07 15.76
C MET A 117 -14.19 -3.64 15.37
N ARG A 118 -15.19 -2.90 14.90
CA ARG A 118 -14.99 -1.51 14.50
C ARG A 118 -14.55 -0.65 15.67
N ARG A 119 -15.18 -0.85 16.83
CA ARG A 119 -14.79 -0.10 18.03
C ARG A 119 -13.34 -0.34 18.40
N ILE A 120 -12.97 -1.60 18.63
CA ILE A 120 -11.62 -1.90 19.08
C ILE A 120 -10.59 -1.60 18.01
N ARG A 121 -10.94 -1.78 16.73
CA ARG A 121 -10.09 -1.34 15.64
C ARG A 121 -9.78 0.14 15.75
N LYS A 122 -10.81 0.98 15.76
CA LYS A 122 -10.57 2.42 15.80
C LYS A 122 -9.85 2.82 17.08
N GLU A 123 -10.23 2.24 18.21
CA GLU A 123 -9.59 2.55 19.49
C GLU A 123 -8.10 2.22 19.49
N ASN A 124 -7.71 1.12 18.86
CA ASN A 124 -6.30 0.79 18.78
C ASN A 124 -5.57 1.61 17.72
N VAL A 125 -6.22 1.87 16.59
CA VAL A 125 -5.63 2.73 15.58
C VAL A 125 -5.35 4.10 16.16
N ASP A 126 -6.22 4.57 17.05
CA ASP A 126 -5.99 5.83 17.74
C ASP A 126 -4.75 5.80 18.61
N ALA A 127 -4.22 4.62 18.94
CA ALA A 127 -2.95 4.57 19.64
C ALA A 127 -1.77 4.87 18.71
N GLY A 128 -1.98 4.79 17.39
CA GLY A 128 -0.91 5.08 16.46
C GLY A 128 0.18 4.04 16.41
N GLU A 129 0.01 2.87 16.90
CA GLU A 129 0.92 1.80 16.94
C GLU A 129 1.28 1.29 15.57
N ARG A 130 2.38 0.65 15.40
CA ARG A 130 3.02 0.19 14.23
C ARG A 130 3.13 -1.30 14.13
N ALA A 131 2.99 -1.89 12.99
CA ALA A 131 3.49 -3.14 12.56
C ALA A 131 5.00 -3.14 12.56
N LYS A 132 5.67 -3.95 13.29
CA LYS A 132 7.05 -3.93 13.56
C LYS A 132 7.88 -4.45 12.42
N GLN A 133 9.09 -4.04 12.26
CA GLN A 133 10.06 -4.34 11.29
C GLN A 133 11.36 -4.84 11.86
N ALA A 134 11.87 -5.96 11.48
CA ALA A 134 13.10 -6.54 11.86
C ALA A 134 14.25 -5.65 11.48
N LEU A 135 15.23 -5.49 12.38
CA LEU A 135 16.41 -4.69 12.08
C LEU A 135 17.22 -5.32 10.94
N ALA A 136 17.71 -4.47 10.04
CA ALA A 136 18.54 -4.90 8.94
C ALA A 136 19.90 -5.39 9.42
N PHE A 137 20.50 -6.28 8.64
CA PHE A 137 21.92 -6.63 8.74
C PHE A 137 22.68 -5.98 7.59
N GLU A 138 23.58 -5.06 7.91
CA GLU A 138 24.27 -4.29 6.88
C GLU A 138 25.38 -5.08 6.20
N ARG A 139 25.71 -4.64 4.98
CA ARG A 139 26.91 -5.12 4.29
C ARG A 139 28.19 -4.79 5.06
N THR A 140 28.23 -3.63 5.72
CA THR A 140 29.39 -3.29 6.53
C THR A 140 29.56 -4.26 7.70
N ASP A 141 28.46 -4.64 8.33
CA ASP A 141 28.52 -5.67 9.36
C ASP A 141 29.02 -6.99 8.78
N PHE A 142 28.51 -7.37 7.61
CA PHE A 142 28.98 -8.59 6.95
C PHE A 142 30.47 -8.56 6.68
N ASP A 143 30.97 -7.46 6.12
CA ASP A 143 32.41 -7.31 5.91
C ASP A 143 33.19 -7.35 7.21
N GLN A 144 32.65 -6.78 8.28
CA GLN A 144 33.33 -6.80 9.57
C GLN A 144 33.44 -8.21 10.11
N VAL A 145 32.32 -8.93 10.13
CA VAL A 145 32.34 -10.31 10.60
C VAL A 145 33.17 -11.21 9.71
N ARG A 146 33.23 -10.93 8.40
CA ARG A 146 34.13 -11.68 7.54
C ARG A 146 35.58 -11.44 7.94
N SER A 147 35.96 -10.17 8.08
CA SER A 147 37.32 -9.84 8.52
C SER A 147 37.65 -10.50 9.84
N LEU A 148 36.69 -10.54 10.77
CA LEU A 148 36.94 -11.15 12.07
C LEU A 148 37.04 -12.67 12.00
N MET A 149 36.04 -13.33 11.42
CA MET A 149 36.01 -14.79 11.44
C MET A 149 36.97 -15.43 10.45
N GLU A 150 37.41 -14.69 9.42
CA GLU A 150 38.32 -15.30 8.45
C GLU A 150 39.58 -15.78 9.13
N ASN A 151 39.97 -15.16 10.24
CA ASN A 151 41.11 -15.64 11.00
C ASN A 151 40.81 -16.95 11.72
N SER A 152 39.53 -17.31 11.88
CA SER A 152 39.18 -18.40 12.77
C SER A 152 39.62 -19.73 12.18
N ASP A 153 40.31 -20.53 13.00
CA ASP A 153 40.57 -21.92 12.67
C ASP A 153 39.38 -22.82 12.97
N ARG A 154 38.47 -22.39 13.84
CA ARG A 154 37.36 -23.24 14.23
C ARG A 154 36.46 -23.54 13.04
N CYS A 155 36.29 -24.83 12.78
CA CYS A 155 35.49 -25.26 11.63
C CYS A 155 34.05 -24.78 11.77
N GLN A 156 33.55 -24.69 13.00
CA GLN A 156 32.23 -24.10 13.22
C GLN A 156 32.19 -22.66 12.73
N ASP A 157 33.24 -21.89 13.00
CA ASP A 157 33.28 -20.50 12.53
C ASP A 157 33.39 -20.44 11.01
N ILE A 158 34.18 -21.35 10.43
CA ILE A 158 34.26 -21.44 8.97
C ILE A 158 32.89 -21.73 8.38
N ARG A 159 32.22 -22.75 8.90
CA ARG A 159 30.88 -23.10 8.45
C ARG A 159 29.93 -21.91 8.57
N ASN A 160 29.97 -21.24 9.72
CA ASN A 160 29.02 -20.17 9.97
C ASN A 160 29.25 -18.98 9.05
N LEU A 161 30.51 -18.59 8.85
CA LEU A 161 30.80 -17.53 7.89
C LEU A 161 30.42 -17.93 6.47
N ALA A 162 30.66 -19.19 6.10
CA ALA A 162 30.23 -19.66 4.78
C ALA A 162 28.72 -19.55 4.62
N PHE A 163 27.99 -20.02 5.63
CA PHE A 163 26.54 -19.86 5.65
C PHE A 163 26.11 -18.42 5.49
N LEU A 164 26.74 -17.51 6.23
CA LEU A 164 26.38 -16.10 6.15
C LEU A 164 26.66 -15.53 4.77
N GLY A 165 27.77 -15.91 4.16
CA GLY A 165 28.05 -15.48 2.80
C GLY A 165 27.01 -16.00 1.82
N ILE A 166 26.65 -17.27 1.95
CA ILE A 166 25.59 -17.85 1.12
C ILE A 166 24.32 -17.03 1.29
N ALA A 167 23.93 -16.79 2.53
CA ALA A 167 22.70 -16.06 2.78
C ALA A 167 22.73 -14.69 2.11
N TYR A 168 23.80 -13.93 2.36
CA TYR A 168 23.87 -12.56 1.84
C TYR A 168 23.97 -12.51 0.33
N ASN A 169 24.40 -13.59 -0.33
CA ASN A 169 24.24 -13.67 -1.78
C ASN A 169 22.80 -14.02 -2.16
N THR A 170 22.33 -15.16 -1.69
CA THR A 170 21.10 -15.78 -2.21
C THR A 170 19.84 -15.19 -1.61
N LEU A 171 19.87 -14.81 -0.33
CA LEU A 171 18.71 -14.19 0.32
C LEU A 171 17.48 -15.12 0.30
N LEU A 172 17.72 -16.42 0.22
CA LEU A 172 16.68 -17.43 0.27
C LEU A 172 15.88 -17.37 1.58
N ARG A 173 14.71 -17.91 1.58
CA ARG A 173 14.02 -18.41 2.70
C ARG A 173 14.90 -19.28 3.56
N ILE A 174 14.91 -19.03 4.86
CA ILE A 174 15.80 -19.75 5.77
C ILE A 174 15.53 -21.24 5.73
N ALA A 175 14.26 -21.63 5.65
CA ALA A 175 13.93 -23.05 5.54
C ALA A 175 14.47 -23.64 4.24
N GLU A 176 14.57 -22.83 3.19
CA GLU A 176 15.05 -23.35 1.93
C GLU A 176 16.56 -23.51 1.91
N ILE A 177 17.29 -22.55 2.48
CA ILE A 177 18.73 -22.75 2.65
C ILE A 177 19.00 -23.91 3.60
N ALA A 178 18.14 -24.12 4.59
CA ALA A 178 18.24 -25.32 5.41
C ALA A 178 17.92 -26.58 4.61
N ARG A 179 17.14 -26.45 3.55
CA ARG A 179 16.77 -27.60 2.74
C ARG A 179 17.91 -28.08 1.86
N ILE A 180 18.89 -27.22 1.60
CA ILE A 180 19.81 -27.43 0.49
C ILE A 180 20.63 -28.70 0.68
N ARG A 181 20.79 -29.45 -0.40
CA ARG A 181 21.27 -30.82 -0.36
C ARG A 181 22.33 -30.95 -1.45
N VAL A 182 23.41 -31.68 -1.16
CA VAL A 182 24.63 -31.55 -1.97
C VAL A 182 24.40 -31.94 -3.43
N LYS A 183 23.46 -32.85 -3.70
CA LYS A 183 23.08 -33.11 -5.09
C LYS A 183 22.57 -31.87 -5.83
N ASP A 184 22.15 -30.83 -5.10
CA ASP A 184 21.75 -29.57 -5.71
C ASP A 184 22.90 -28.75 -6.28
N ILE A 185 24.13 -28.98 -5.85
CA ILE A 185 25.21 -28.00 -6.00
C ILE A 185 26.13 -28.38 -7.14
N SER A 186 26.55 -27.37 -7.91
CA SER A 186 27.54 -27.52 -8.97
C SER A 186 28.44 -26.30 -8.97
N ARG A 187 29.65 -26.46 -9.51
CA ARG A 187 30.58 -25.36 -9.64
C ARG A 187 31.40 -25.51 -10.91
N THR A 188 31.97 -24.39 -11.35
CA THR A 188 32.41 -24.24 -12.74
C THR A 188 33.62 -23.31 -12.77
N ASP A 189 33.90 -22.76 -13.95
CA ASP A 189 35.12 -21.98 -14.16
C ASP A 189 35.21 -20.82 -13.17
N GLY A 190 36.44 -20.44 -12.87
CA GLY A 190 36.72 -19.52 -11.79
C GLY A 190 36.40 -20.05 -10.41
N GLY A 191 35.91 -21.28 -10.31
CA GLY A 191 35.36 -21.78 -9.07
C GLY A 191 33.93 -21.35 -8.82
N ALA A 192 33.29 -20.68 -9.79
CA ALA A 192 31.91 -20.26 -9.58
C ALA A 192 31.06 -21.47 -9.29
N MET A 193 30.05 -21.29 -8.44
CA MET A 193 29.23 -22.39 -7.98
C MET A 193 27.77 -22.07 -8.25
N LEU A 194 27.01 -23.09 -8.64
CA LEU A 194 25.62 -22.93 -9.05
C LEU A 194 24.79 -23.97 -8.31
N ILE A 195 23.60 -23.57 -7.89
CA ILE A 195 22.71 -24.46 -7.15
C ILE A 195 21.30 -24.30 -7.69
N HIS A 196 20.67 -25.42 -8.04
CA HIS A 196 19.34 -25.43 -8.61
C HIS A 196 18.34 -25.99 -7.61
N ILE A 197 17.18 -25.34 -7.52
CA ILE A 197 16.13 -25.76 -6.59
C ILE A 197 14.78 -25.48 -7.23
N GLY A 198 13.80 -26.32 -6.89
CA GLY A 198 12.43 -26.12 -7.32
C GLY A 198 11.76 -24.94 -6.67
N GLY A 208 11.78 -24.69 -10.45
CA GLY A 208 13.18 -24.96 -10.69
C GLY A 208 13.97 -23.70 -10.98
N VAL A 209 14.84 -23.31 -10.05
CA VAL A 209 15.65 -22.12 -10.18
C VAL A 209 17.09 -22.48 -9.81
N GLU A 210 18.03 -22.03 -10.62
CA GLU A 210 19.46 -22.11 -10.31
C GLU A 210 20.02 -20.74 -9.99
N LYS A 211 20.72 -20.65 -8.86
CA LYS A 211 21.39 -19.43 -8.41
C LYS A 211 22.89 -19.67 -8.41
N ALA A 212 23.64 -18.59 -8.61
CA ALA A 212 25.08 -18.65 -8.74
C ALA A 212 25.77 -18.08 -7.51
N LEU A 213 26.89 -18.72 -7.16
CA LEU A 213 27.75 -18.32 -6.05
C LEU A 213 29.06 -17.78 -6.58
N SER A 214 29.42 -16.58 -6.15
CA SER A 214 30.60 -15.90 -6.68
C SER A 214 31.87 -16.54 -6.16
N LEU A 215 32.95 -16.34 -6.93
CA LEU A 215 34.12 -17.21 -6.85
C LEU A 215 34.68 -17.31 -5.44
N GLY A 216 34.91 -16.17 -4.80
CA GLY A 216 35.53 -16.20 -3.48
C GLY A 216 34.72 -16.99 -2.46
N VAL A 217 33.41 -16.79 -2.44
CA VAL A 217 32.60 -17.58 -1.53
C VAL A 217 32.44 -19.03 -1.99
N THR A 218 32.61 -19.31 -3.29
CA THR A 218 32.74 -20.72 -3.68
C THR A 218 33.98 -21.34 -3.05
N LYS A 219 35.07 -20.56 -2.97
CA LYS A 219 36.28 -21.06 -2.33
C LYS A 219 36.10 -21.23 -0.83
N LEU A 220 35.36 -20.32 -0.19
CA LEU A 220 35.08 -20.45 1.23
C LEU A 220 34.24 -21.70 1.51
N VAL A 221 33.20 -21.93 0.73
CA VAL A 221 32.38 -23.13 0.93
C VAL A 221 33.16 -24.39 0.60
N GLU A 222 34.06 -24.33 -0.39
CA GLU A 222 34.97 -25.45 -0.61
C GLU A 222 35.82 -25.71 0.62
N ARG A 223 36.34 -24.67 1.24
CA ARG A 223 37.11 -24.85 2.47
C ARG A 223 36.29 -25.56 3.52
N TRP A 224 35.07 -25.08 3.75
CA TRP A 224 34.17 -25.76 4.68
C TRP A 224 33.98 -27.23 4.31
N ILE A 225 33.59 -27.49 3.07
CA ILE A 225 33.27 -28.85 2.65
C ILE A 225 34.47 -29.76 2.82
N SER A 226 35.64 -29.32 2.38
CA SER A 226 36.83 -30.16 2.42
C SER A 226 37.30 -30.37 3.85
N VAL A 227 37.33 -29.31 4.65
CA VAL A 227 37.80 -29.45 6.02
C VAL A 227 36.87 -30.33 6.83
N SER A 228 35.56 -30.16 6.66
CA SER A 228 34.62 -30.99 7.42
C SER A 228 34.49 -32.41 6.87
N GLY A 229 34.70 -32.63 5.59
CA GLY A 229 34.34 -33.90 5.00
C GLY A 229 32.85 -34.15 4.98
N VAL A 230 32.06 -33.11 5.23
CA VAL A 230 30.61 -33.27 5.37
C VAL A 230 29.99 -33.61 4.01
N ALA A 231 29.00 -34.49 4.04
CA ALA A 231 28.14 -34.74 2.89
C ALA A 231 28.97 -35.14 1.67
N ASP A 232 29.77 -36.18 1.85
CA ASP A 232 30.40 -36.83 0.71
C ASP A 232 29.36 -37.46 -0.20
N ASP A 233 28.28 -37.98 0.37
CA ASP A 233 27.12 -38.37 -0.44
C ASP A 233 26.36 -37.14 -0.89
N PRO A 234 26.03 -37.01 -2.18
CA PRO A 234 25.27 -35.83 -2.62
C PRO A 234 23.86 -35.82 -2.07
N ASN A 235 23.38 -36.96 -1.59
CA ASN A 235 22.14 -37.00 -0.83
C ASN A 235 22.22 -36.14 0.43
N ASN A 236 23.42 -35.94 0.96
CA ASN A 236 23.56 -35.37 2.29
C ASN A 236 23.59 -33.84 2.24
N TYR A 237 23.25 -33.24 3.37
CA TYR A 237 23.06 -31.80 3.48
C TYR A 237 24.39 -31.11 3.75
N LEU A 238 24.52 -29.89 3.23
CA LEU A 238 25.83 -29.22 3.27
C LEU A 238 26.27 -28.91 4.69
N PHE A 239 25.36 -28.46 5.54
CA PHE A 239 25.67 -28.15 6.92
C PHE A 239 25.15 -29.26 7.81
N CYS A 240 25.99 -29.72 8.74
CA CYS A 240 25.66 -30.87 9.56
C CYS A 240 26.07 -30.58 11.00
N ARG A 241 25.53 -31.37 11.92
CA ARG A 241 25.81 -31.16 13.33
C ARG A 241 27.30 -31.27 13.63
N VAL A 242 27.78 -30.34 14.45
CA VAL A 242 29.13 -30.36 14.99
C VAL A 242 29.03 -30.43 16.50
N ARG A 243 29.59 -31.49 17.08
CA ARG A 243 29.58 -31.67 18.52
C ARG A 243 30.54 -30.71 19.21
N LYS A 244 30.33 -30.53 20.51
CA LYS A 244 31.24 -29.72 21.32
C LYS A 244 32.68 -30.19 21.20
N ASN A 245 32.89 -31.44 20.78
CA ASN A 245 34.22 -31.91 20.43
C ASN A 245 34.85 -31.11 19.29
N GLY A 246 34.06 -30.32 18.57
CA GLY A 246 34.52 -29.76 17.32
C GLY A 246 34.48 -30.74 16.17
N VAL A 247 33.69 -31.80 16.29
CA VAL A 247 33.64 -32.88 15.31
C VAL A 247 32.31 -32.76 14.58
N ALA A 248 32.39 -32.63 13.26
CA ALA A 248 31.20 -32.73 12.43
C ALA A 248 30.78 -34.19 12.30
N ALA A 249 29.47 -34.41 12.24
CA ALA A 249 28.92 -35.71 11.91
C ALA A 249 27.89 -35.50 10.80
N PRO A 250 28.02 -36.16 9.66
CA PRO A 250 27.10 -35.89 8.55
C PRO A 250 25.72 -36.44 8.84
N SER A 251 24.74 -35.95 8.09
CA SER A 251 23.37 -36.44 8.15
C SER A 251 22.84 -36.64 6.75
N ALA A 252 22.18 -37.78 6.54
CA ALA A 252 21.49 -38.05 5.28
C ALA A 252 20.12 -37.41 5.24
N THR A 253 19.71 -36.76 6.34
CA THR A 253 18.42 -36.09 6.41
C THR A 253 18.63 -34.72 7.04
N SER A 254 17.68 -33.83 6.76
CA SER A 254 17.78 -32.45 7.23
C SER A 254 17.78 -32.39 8.75
N GLN A 255 18.68 -31.58 9.32
CA GLN A 255 18.70 -31.36 10.75
C GLN A 255 17.57 -30.43 11.20
N LEU A 256 17.08 -29.58 10.30
CA LEU A 256 15.98 -28.66 10.56
C LEU A 256 16.25 -27.69 11.71
N SER A 257 17.50 -27.54 12.14
CA SER A 257 17.77 -26.76 13.35
C SER A 257 17.71 -25.26 13.07
N THR A 258 16.60 -24.82 12.45
CA THR A 258 16.49 -23.40 12.14
C THR A 258 16.59 -22.58 13.41
N ARG A 259 16.07 -23.10 14.51
CA ARG A 259 16.24 -22.42 15.79
C ARG A 259 17.71 -22.26 16.13
N ALA A 260 18.52 -23.25 15.77
CA ALA A 260 19.97 -23.14 15.96
C ALA A 260 20.57 -22.07 15.07
N LEU A 261 20.12 -21.97 13.84
CA LEU A 261 20.63 -20.91 12.97
C LEU A 261 20.27 -19.54 13.51
N GLU A 262 19.04 -19.40 13.98
CA GLU A 262 18.64 -18.21 14.72
C GLU A 262 19.56 -17.95 15.91
N GLY A 263 19.92 -19.02 16.64
CA GLY A 263 20.93 -18.87 17.68
C GLY A 263 22.27 -18.40 17.16
N ILE A 264 22.59 -18.74 15.92
CA ILE A 264 23.81 -18.20 15.31
C ILE A 264 23.68 -16.69 15.16
N PHE A 265 22.54 -16.25 14.64
CA PHE A 265 22.31 -14.83 14.48
C PHE A 265 22.35 -14.11 15.82
N GLU A 266 21.79 -14.73 16.85
CA GLU A 266 21.90 -14.18 18.19
C GLU A 266 23.35 -14.09 18.64
N ALA A 267 24.11 -15.16 18.46
CA ALA A 267 25.50 -15.18 18.90
C ALA A 267 26.29 -14.08 18.21
N THR A 268 26.15 -13.98 16.89
CA THR A 268 26.88 -12.96 16.15
C THR A 268 26.47 -11.56 16.55
N HIS A 269 25.18 -11.34 16.78
CA HIS A 269 24.75 -10.06 17.33
C HIS A 269 25.36 -9.81 18.71
N ARG A 270 25.39 -10.84 19.57
CA ARG A 270 26.03 -10.78 20.86
C ARG A 270 27.56 -10.74 20.80
N LEU A 271 28.13 -10.82 19.60
CA LEU A 271 29.55 -10.57 19.41
C LEU A 271 29.81 -9.15 18.94
N ILE A 272 29.05 -8.68 17.95
CA ILE A 272 29.25 -7.32 17.47
C ILE A 272 28.69 -6.34 18.50
N TYR A 273 27.76 -6.79 19.33
CA TYR A 273 27.13 -6.05 20.39
C TYR A 273 27.08 -6.93 21.63
N GLY A 274 26.55 -6.38 22.71
CA GLY A 274 26.32 -7.16 23.91
C GLY A 274 25.10 -8.05 23.81
N ALA A 275 24.59 -8.44 24.97
CA ALA A 275 23.34 -9.17 25.08
C ALA A 275 22.15 -8.31 24.65
N LYS A 276 20.99 -8.97 24.54
CA LYS A 276 19.76 -8.28 24.21
C LYS A 276 19.40 -7.28 25.30
N ASP A 277 18.67 -6.25 24.92
CA ASP A 277 18.17 -5.29 25.90
C ASP A 277 17.13 -5.96 26.80
N ASP A 278 16.98 -5.41 28.00
CA ASP A 278 16.07 -5.94 29.00
C ASP A 278 14.62 -5.55 28.76
N SER A 279 14.32 -4.85 27.66
CA SER A 279 12.93 -4.45 27.42
C SER A 279 12.03 -5.63 27.09
N GLY A 280 12.62 -6.78 26.73
CA GLY A 280 11.83 -7.91 26.30
C GLY A 280 11.19 -7.71 24.94
N GLN A 281 11.48 -6.68 24.23
CA GLN A 281 11.08 -6.39 22.91
C GLN A 281 11.61 -7.41 21.94
N ARG A 282 11.02 -7.57 20.82
CA ARG A 282 11.46 -8.23 19.66
C ARG A 282 12.32 -7.34 18.78
N TYR A 283 13.11 -7.87 17.92
CA TYR A 283 13.94 -7.19 17.02
C TYR A 283 15.03 -6.44 17.74
N LEU A 284 15.39 -6.90 18.93
CA LEU A 284 16.52 -6.37 19.66
C LEU A 284 17.85 -6.83 19.08
N ALA A 285 17.83 -7.81 18.18
CA ALA A 285 19.03 -8.34 17.56
C ALA A 285 18.72 -8.70 16.11
N TRP A 286 19.77 -9.02 15.36
CA TRP A 286 19.60 -9.50 14.00
C TRP A 286 18.82 -10.81 13.97
N SER A 287 18.10 -11.02 12.87
CA SER A 287 17.29 -12.21 12.68
C SER A 287 17.43 -12.64 11.23
N GLY A 288 16.96 -13.85 10.93
CA GLY A 288 17.17 -14.39 9.60
C GLY A 288 16.66 -13.48 8.50
N HIS A 289 15.64 -12.71 8.71
CA HIS A 289 15.19 -11.65 7.91
C HIS A 289 16.24 -10.59 7.70
N SER A 290 16.92 -10.25 8.80
CA SER A 290 17.72 -9.04 8.83
C SER A 290 18.72 -8.96 7.68
N ALA A 291 19.31 -10.10 7.31
CA ALA A 291 20.19 -10.15 6.15
C ALA A 291 19.45 -9.84 4.85
N ARG A 292 18.35 -10.46 4.59
CA ARG A 292 17.48 -10.26 3.50
C ARG A 292 17.11 -8.80 3.33
N VAL A 293 16.58 -8.20 4.34
CA VAL A 293 16.29 -6.83 4.50
C VAL A 293 17.48 -5.97 4.14
N GLY A 294 18.61 -6.26 4.80
CA GLY A 294 19.81 -5.49 4.55
C GLY A 294 20.22 -5.48 3.09
N ALA A 295 20.35 -6.65 2.48
CA ALA A 295 20.70 -6.75 1.06
C ALA A 295 19.67 -6.10 0.14
N ALA A 296 18.38 -6.27 0.45
CA ALA A 296 17.34 -5.55 -0.29
C ALA A 296 17.54 -4.04 -0.27
N ARG A 297 17.73 -3.48 0.92
CA ARG A 297 18.04 -2.06 1.06
C ARG A 297 19.33 -1.68 0.34
N ASP A 298 20.35 -2.53 0.41
CA ASP A 298 21.58 -2.28 -0.33
C ASP A 298 21.35 -2.17 -1.83
N MET A 299 20.61 -3.13 -2.41
CA MET A 299 20.23 -3.04 -3.81
C MET A 299 19.42 -1.77 -4.11
N ALA A 300 18.47 -1.44 -3.24
CA ALA A 300 17.71 -0.20 -3.41
C ALA A 300 18.61 1.04 -3.43
N ARG A 301 19.56 1.11 -2.51
CA ARG A 301 20.50 2.23 -2.51
C ARG A 301 21.44 2.19 -3.69
N ALA A 302 21.80 0.99 -4.16
CA ALA A 302 22.49 0.86 -5.44
C ALA A 302 21.61 1.32 -6.58
N GLY A 303 20.29 1.27 -6.43
CA GLY A 303 19.42 1.83 -7.45
C GLY A 303 19.31 0.98 -8.69
N VAL A 304 19.66 -0.31 -8.60
CA VAL A 304 19.59 -1.18 -9.77
C VAL A 304 18.14 -1.33 -10.21
N SER A 305 17.95 -1.59 -11.50
CA SER A 305 16.64 -1.61 -12.11
C SER A 305 15.66 -2.46 -11.30
N ILE A 306 14.48 -1.91 -11.07
CA ILE A 306 13.52 -2.49 -10.14
C ILE A 306 13.04 -3.84 -10.66
N PRO A 307 12.50 -3.93 -11.87
CA PRO A 307 11.97 -5.23 -12.32
C PRO A 307 13.01 -6.32 -12.27
N GLU A 308 14.27 -5.99 -12.52
CA GLU A 308 15.37 -6.90 -12.28
C GLU A 308 15.36 -7.44 -10.85
N ILE A 309 15.34 -6.54 -9.88
CA ILE A 309 15.27 -6.93 -8.47
C ILE A 309 14.06 -7.83 -8.22
N MET A 310 12.88 -7.42 -8.68
CA MET A 310 11.67 -8.19 -8.39
C MET A 310 11.71 -9.56 -9.04
N GLN A 311 12.23 -9.67 -10.26
CA GLN A 311 12.42 -10.97 -10.89
C GLN A 311 13.40 -11.83 -10.09
N ALA A 312 14.52 -11.25 -9.67
CA ALA A 312 15.49 -12.00 -8.87
C ALA A 312 14.87 -12.45 -7.55
N GLY A 313 14.01 -11.64 -6.96
CA GLY A 313 13.28 -12.00 -5.77
C GLY A 313 12.12 -12.94 -6.00
N GLY A 314 11.81 -13.26 -7.25
CA GLY A 314 10.63 -14.04 -7.54
C GLY A 314 9.37 -13.43 -6.97
N TRP A 315 9.25 -12.15 -6.91
CA TRP A 315 8.51 -11.32 -6.05
C TRP A 315 7.32 -10.68 -6.73
N THR A 316 6.16 -10.74 -6.19
CA THR A 316 5.04 -9.94 -6.49
C THR A 316 5.36 -8.47 -6.32
N ASN A 317 4.89 -7.60 -7.13
CA ASN A 317 4.93 -6.20 -7.00
C ASN A 317 4.35 -5.81 -5.67
N VAL A 318 5.07 -5.31 -4.74
CA VAL A 318 4.75 -5.19 -3.37
C VAL A 318 5.35 -3.98 -2.71
N ASN A 319 4.58 -3.09 -2.16
CA ASN A 319 4.91 -1.91 -1.47
C ASN A 319 5.71 -2.16 -0.23
N ILE A 320 5.83 -3.36 0.23
CA ILE A 320 6.80 -3.86 1.12
C ILE A 320 8.19 -3.47 0.69
N VAL A 321 8.51 -3.68 -0.54
CA VAL A 321 9.68 -3.25 -1.17
C VAL A 321 9.88 -1.78 -0.96
N MET A 322 8.79 -1.04 -1.09
CA MET A 322 8.83 0.41 -0.98
C MET A 322 8.92 0.89 0.46
N ASN A 323 8.52 0.13 1.42
CA ASN A 323 8.75 0.27 2.80
C ASN A 323 10.17 0.03 3.20
N TYR A 324 10.88 -0.80 2.52
CA TYR A 324 12.28 -0.83 2.45
C TYR A 324 12.82 0.46 1.92
N ILE A 325 12.40 0.79 0.71
CA ILE A 325 12.87 2.01 0.06
C ILE A 325 12.50 3.23 0.89
N ARG A 326 11.34 3.18 1.54
CA ARG A 326 10.82 4.25 2.38
C ARG A 326 11.90 4.86 3.28
N ASN A 327 12.83 4.04 3.73
CA ASN A 327 13.79 4.40 4.78
C ASN A 327 15.12 4.88 4.21
N LEU A 328 15.10 5.65 3.13
CA LEU A 328 16.32 6.03 2.43
C LEU A 328 16.34 7.54 2.18
N ASP A 329 17.56 8.04 1.98
CA ASP A 329 17.86 9.47 1.92
C ASP A 329 17.43 10.15 0.63
N SER A 330 17.06 9.41 -0.41
CA SER A 330 16.88 10.00 -1.73
C SER A 330 15.68 10.93 -1.70
N GLU A 331 15.96 12.24 -1.63
CA GLU A 331 14.94 13.27 -1.72
C GLU A 331 15.56 14.52 -2.36
N THR A 332 16.13 14.35 -3.55
CA THR A 332 17.05 15.37 -4.09
C THR A 332 16.29 16.61 -4.56
N GLY A 333 15.09 16.43 -5.12
CA GLY A 333 14.28 17.54 -5.54
C GLY A 333 14.84 18.37 -6.67
N ALA A 334 15.68 17.76 -7.52
CA ALA A 334 16.50 18.53 -8.46
C ALA A 334 15.66 19.46 -9.34
N MET A 335 14.42 19.07 -9.62
CA MET A 335 13.59 19.82 -10.56
C MET A 335 13.57 21.32 -10.29
N VAL A 336 13.58 21.73 -9.02
CA VAL A 336 13.71 23.17 -8.73
C VAL A 336 14.97 23.72 -9.39
N ARG A 337 16.09 23.01 -9.22
CA ARG A 337 17.34 23.37 -9.86
C ARG A 337 17.20 23.37 -11.38
N LEU A 338 16.71 22.28 -11.93
CA LEU A 338 16.62 22.17 -13.38
C LEU A 338 15.74 23.25 -13.98
N LEU A 339 14.66 23.62 -13.30
CA LEU A 339 13.87 24.77 -13.71
C LEU A 339 14.70 26.05 -13.68
N GLU A 340 15.35 26.32 -12.54
CA GLU A 340 16.28 27.44 -12.48
C GLU A 340 17.44 27.25 -13.45
N ASP A 341 17.93 26.04 -13.58
CA ASP A 341 18.93 25.70 -14.58
C ASP A 341 18.24 25.45 -15.92
N GLY A 342 18.99 24.90 -16.87
CA GLY A 342 18.43 24.62 -18.18
C GLY A 342 18.39 25.84 -19.08
N ASP A 343 18.14 27.02 -18.49
CA ASP A 343 18.27 28.26 -19.22
C ASP A 343 19.71 28.50 -19.62
N SER B 20 -41.67 14.07 -7.34
CA SER B 20 -40.39 14.00 -6.60
C SER B 20 -40.64 13.83 -5.10
N ASP B 21 -41.64 14.54 -4.59
CA ASP B 21 -41.88 14.57 -3.15
C ASP B 21 -42.05 13.16 -2.59
N GLU B 22 -42.62 12.25 -3.37
CA GLU B 22 -42.67 10.85 -2.94
C GLU B 22 -41.27 10.31 -2.70
N VAL B 23 -40.35 10.58 -3.63
CA VAL B 23 -38.97 10.14 -3.46
C VAL B 23 -38.34 10.82 -2.25
N ARG B 24 -38.68 12.09 -2.04
CA ARG B 24 -38.16 12.79 -0.86
C ARG B 24 -38.59 12.08 0.41
N LYS B 25 -39.88 11.77 0.53
CA LYS B 25 -40.37 11.03 1.69
C LYS B 25 -39.67 9.68 1.83
N ASN B 26 -39.61 8.92 0.74
CA ASN B 26 -39.01 7.60 0.77
C ASN B 26 -37.56 7.65 1.24
N LEU B 27 -36.78 8.54 0.65
CA LEU B 27 -35.36 8.62 0.98
C LEU B 27 -35.14 9.21 2.36
N MET B 28 -36.00 10.11 2.83
CA MET B 28 -35.91 10.54 4.21
C MET B 28 -36.21 9.39 5.16
N ASP B 29 -37.20 8.57 4.81
CA ASP B 29 -37.52 7.40 5.62
C ASP B 29 -36.33 6.47 5.74
N MET B 30 -35.72 6.11 4.62
CA MET B 30 -34.54 5.24 4.68
C MET B 30 -33.33 5.94 5.29
N PHE B 31 -33.21 7.26 5.11
CA PHE B 31 -32.21 8.03 5.84
C PHE B 31 -32.39 7.91 7.34
N ARG B 32 -33.62 7.66 7.79
CA ARG B 32 -33.79 7.27 9.19
C ARG B 32 -32.92 6.05 9.46
N ASP B 33 -32.51 5.90 10.72
CA ASP B 33 -31.33 5.13 11.08
C ASP B 33 -30.09 5.77 10.48
N ARG B 34 -29.87 7.02 10.87
CA ARG B 34 -28.83 7.85 10.27
C ARG B 34 -27.45 7.30 10.60
N GLN B 35 -26.53 7.46 9.65
CA GLN B 35 -25.16 6.98 9.81
C GLN B 35 -24.25 7.78 8.90
N ALA B 36 -22.96 7.74 9.20
CA ALA B 36 -22.04 8.71 8.65
C ALA B 36 -21.75 8.45 7.17
N PHE B 37 -21.57 9.54 6.42
CA PHE B 37 -21.18 9.49 5.02
C PHE B 37 -20.28 10.69 4.74
N SER B 38 -19.42 10.57 3.74
CA SER B 38 -18.93 11.76 3.06
C SER B 38 -20.07 12.44 2.30
N GLU B 39 -19.93 13.75 2.13
CA GLU B 39 -20.93 14.51 1.39
C GLU B 39 -21.03 13.99 -0.05
N HIS B 40 -19.89 13.69 -0.64
CA HIS B 40 -19.84 13.02 -1.94
C HIS B 40 -20.61 11.71 -1.92
N THR B 41 -20.35 10.88 -0.91
CA THR B 41 -21.03 9.59 -0.82
C THR B 41 -22.53 9.76 -0.71
N TRP B 42 -22.99 10.65 0.16
CA TRP B 42 -24.43 10.85 0.31
C TRP B 42 -25.05 11.39 -0.97
N LYS B 43 -24.38 12.35 -1.61
CA LYS B 43 -24.86 12.85 -2.90
C LYS B 43 -25.02 11.72 -3.91
N MET B 44 -23.98 10.93 -4.12
CA MET B 44 -24.07 9.86 -5.11
C MET B 44 -25.10 8.81 -4.73
N LEU B 45 -25.17 8.45 -3.44
CA LEU B 45 -26.23 7.56 -2.98
C LEU B 45 -27.59 8.09 -3.39
N LEU B 46 -27.85 9.36 -3.10
CA LEU B 46 -29.14 9.95 -3.43
C LEU B 46 -29.40 9.96 -4.94
N SER B 47 -28.38 10.25 -5.73
CA SER B 47 -28.54 10.18 -7.18
C SER B 47 -28.87 8.77 -7.67
N VAL B 48 -28.22 7.76 -7.10
CA VAL B 48 -28.57 6.38 -7.43
C VAL B 48 -30.00 6.08 -7.02
N CYS B 49 -30.39 6.55 -5.84
CA CYS B 49 -31.77 6.35 -5.41
C CYS B 49 -32.76 7.05 -6.35
N ARG B 50 -32.42 8.24 -6.82
CA ARG B 50 -33.26 8.89 -7.82
C ARG B 50 -33.41 8.03 -9.07
N SER B 51 -32.29 7.60 -9.64
CA SER B 51 -32.34 6.76 -10.83
C SER B 51 -33.17 5.52 -10.59
N TRP B 52 -32.88 4.80 -9.51
CA TRP B 52 -33.62 3.60 -9.19
C TRP B 52 -35.10 3.86 -9.00
N ALA B 53 -35.45 4.86 -8.19
CA ALA B 53 -36.86 5.11 -7.92
C ALA B 53 -37.60 5.49 -9.20
N ALA B 54 -37.02 6.34 -10.03
CA ALA B 54 -37.65 6.68 -11.30
C ALA B 54 -37.84 5.46 -12.17
N TRP B 55 -36.80 4.65 -12.34
CA TRP B 55 -36.91 3.44 -13.13
C TRP B 55 -37.95 2.48 -12.56
N CYS B 56 -37.91 2.27 -11.25
CA CYS B 56 -38.78 1.30 -10.60
C CYS B 56 -40.24 1.74 -10.69
N LYS B 57 -40.51 3.02 -10.49
CA LYS B 57 -41.84 3.55 -10.69
C LYS B 57 -42.29 3.41 -12.13
N LEU B 58 -41.39 3.68 -13.07
CA LEU B 58 -41.72 3.46 -14.48
C LEU B 58 -42.11 2.02 -14.72
N ASN B 59 -41.41 1.09 -14.07
CA ASN B 59 -41.75 -0.32 -14.14
C ASN B 59 -42.90 -0.70 -13.23
N ASN B 60 -43.41 0.23 -12.44
CA ASN B 60 -44.52 -0.05 -11.52
C ASN B 60 -44.19 -1.24 -10.63
N ARG B 61 -43.06 -1.17 -9.96
CA ARG B 61 -42.62 -2.20 -9.03
C ARG B 61 -42.36 -1.60 -7.66
N LYS B 62 -42.38 -2.46 -6.65
CA LYS B 62 -42.15 -2.01 -5.28
C LYS B 62 -40.77 -1.39 -5.16
N TRP B 63 -40.73 -0.15 -4.65
CA TRP B 63 -39.51 0.64 -4.75
C TRP B 63 -38.47 0.24 -3.70
N PHE B 64 -38.92 -0.12 -2.50
CA PHE B 64 -37.99 -0.33 -1.40
C PHE B 64 -37.39 -1.74 -1.42
N PRO B 65 -38.18 -2.81 -1.49
CA PRO B 65 -37.58 -4.15 -1.48
C PRO B 65 -37.02 -4.57 -2.83
N ALA B 66 -35.81 -5.13 -2.79
CA ALA B 66 -35.17 -5.67 -3.98
C ALA B 66 -35.68 -7.07 -4.32
N GLU B 67 -35.53 -7.44 -5.59
CA GLU B 67 -35.67 -8.81 -6.05
C GLU B 67 -34.57 -9.09 -7.07
N PRO B 68 -33.91 -10.26 -6.99
CA PRO B 68 -32.77 -10.48 -7.89
C PRO B 68 -33.13 -10.52 -9.36
N GLU B 69 -34.36 -10.93 -9.71
CA GLU B 69 -34.80 -10.85 -11.10
C GLU B 69 -35.10 -9.42 -11.52
N ASP B 70 -35.53 -8.59 -10.57
CA ASP B 70 -35.68 -7.16 -10.86
C ASP B 70 -34.31 -6.52 -11.05
N VAL B 71 -33.35 -6.89 -10.21
CA VAL B 71 -31.99 -6.40 -10.39
C VAL B 71 -31.44 -6.85 -11.73
N GLU B 72 -31.69 -8.10 -12.11
CA GLU B 72 -31.29 -8.59 -13.43
C GLU B 72 -31.89 -7.74 -14.56
N ASP B 73 -33.20 -7.53 -14.53
CA ASP B 73 -33.85 -6.72 -15.55
C ASP B 73 -33.31 -5.29 -15.58
N TYR B 74 -33.08 -4.70 -14.41
CA TYR B 74 -32.52 -3.36 -14.33
C TYR B 74 -31.13 -3.31 -14.96
N LEU B 75 -30.27 -4.26 -14.58
CA LEU B 75 -28.93 -4.32 -15.15
C LEU B 75 -28.96 -4.54 -16.66
N LEU B 76 -29.89 -5.37 -17.15
CA LEU B 76 -30.06 -5.53 -18.58
C LEU B 76 -30.46 -4.22 -19.26
N TYR B 77 -31.31 -3.44 -18.60
CA TYR B 77 -31.64 -2.12 -19.12
C TYR B 77 -30.42 -1.19 -19.14
N LEU B 78 -29.64 -1.20 -18.05
CA LEU B 78 -28.44 -0.38 -18.00
C LEU B 78 -27.44 -0.78 -19.09
N GLN B 79 -27.36 -2.07 -19.38
CA GLN B 79 -26.54 -2.53 -20.49
C GLN B 79 -27.09 -2.06 -21.82
N ALA B 80 -28.42 -2.01 -21.96
CA ALA B 80 -28.99 -1.45 -23.17
C ALA B 80 -28.70 0.04 -23.30
N ARG B 81 -28.63 0.79 -22.19
CA ARG B 81 -28.09 2.14 -22.25
C ARG B 81 -26.59 2.18 -22.49
N GLY B 82 -25.88 1.06 -22.37
CA GLY B 82 -24.46 1.07 -22.64
C GLY B 82 -23.63 1.86 -21.66
N LEU B 83 -24.11 2.01 -20.42
CA LEU B 83 -23.32 2.65 -19.39
C LEU B 83 -22.06 1.84 -19.10
N ALA B 84 -21.06 2.52 -18.53
CA ALA B 84 -19.81 1.85 -18.20
C ALA B 84 -20.03 0.81 -17.10
N VAL B 85 -19.44 -0.37 -17.32
CA VAL B 85 -19.64 -1.50 -16.39
C VAL B 85 -19.23 -1.15 -14.98
N LYS B 86 -18.26 -0.32 -14.78
CA LYS B 86 -17.83 0.19 -13.53
C LYS B 86 -18.93 0.93 -12.81
N THR B 87 -19.67 1.74 -13.57
CA THR B 87 -20.78 2.48 -12.99
C THR B 87 -21.97 1.57 -12.68
N ILE B 88 -22.27 0.63 -13.57
CA ILE B 88 -23.32 -0.36 -13.26
C ILE B 88 -22.99 -1.14 -11.99
N GLN B 89 -21.80 -1.63 -11.84
CA GLN B 89 -21.27 -2.25 -10.70
C GLN B 89 -21.38 -1.38 -9.47
N GLN B 90 -21.10 -0.12 -9.58
CA GLN B 90 -21.23 0.86 -8.57
C GLN B 90 -22.64 1.01 -8.10
N HIS B 91 -23.58 0.97 -9.04
CA HIS B 91 -25.00 0.95 -8.69
C HIS B 91 -25.34 -0.27 -7.85
N LEU B 92 -24.91 -1.42 -8.23
CA LEU B 92 -25.01 -2.63 -7.50
C LEU B 92 -24.47 -2.48 -6.09
N GLY B 93 -23.33 -1.90 -5.95
CA GLY B 93 -22.77 -1.58 -4.74
C GLY B 93 -23.56 -0.74 -3.83
N GLN B 94 -24.08 0.34 -4.31
CA GLN B 94 -24.99 1.20 -3.66
C GLN B 94 -26.22 0.48 -3.16
N LEU B 95 -26.72 -0.44 -3.98
CA LEU B 95 -27.86 -1.26 -3.55
C LEU B 95 -27.49 -2.15 -2.36
N ASN B 96 -26.38 -2.80 -2.36
CA ASN B 96 -25.83 -3.53 -1.28
C ASN B 96 -25.71 -2.69 -0.04
N MET B 97 -25.18 -1.52 -0.17
CA MET B 97 -25.00 -0.55 0.84
C MET B 97 -26.29 -0.23 1.54
N LEU B 98 -27.29 0.13 0.74
CA LEU B 98 -28.58 0.49 1.29
C LEU B 98 -29.22 -0.69 2.01
N HIS B 99 -29.06 -1.90 1.49
CA HIS B 99 -29.52 -3.07 2.23
C HIS B 99 -28.83 -3.16 3.58
N ARG B 100 -27.53 -3.24 3.63
CA ARG B 100 -26.70 -3.27 4.76
C ARG B 100 -27.12 -2.28 5.82
N ARG B 101 -27.13 -1.02 5.42
CA ARG B 101 -27.35 0.06 6.38
C ARG B 101 -28.80 0.21 6.80
N SER B 102 -29.74 -0.17 5.93
CA SER B 102 -31.12 -0.33 6.37
C SER B 102 -31.30 -1.59 7.20
N GLY B 103 -30.35 -2.51 7.14
CA GLY B 103 -30.44 -3.76 7.86
C GLY B 103 -30.95 -4.91 7.03
N LEU B 104 -31.08 -4.73 5.71
CA LEU B 104 -31.46 -5.81 4.80
C LEU B 104 -30.23 -6.59 4.34
N PRO B 105 -30.42 -7.78 3.77
CA PRO B 105 -29.27 -8.60 3.36
C PRO B 105 -28.39 -7.86 2.36
N ARG B 106 -27.14 -7.72 2.64
CA ARG B 106 -26.15 -7.14 1.82
C ARG B 106 -26.13 -7.70 0.43
N PRO B 107 -25.86 -8.99 0.26
CA PRO B 107 -25.78 -9.59 -1.06
C PRO B 107 -27.11 -9.72 -1.76
N SER B 108 -27.33 -9.09 -2.86
CA SER B 108 -28.19 -9.48 -3.90
C SER B 108 -27.82 -10.86 -4.35
N ASP B 109 -28.80 -11.75 -4.55
CA ASP B 109 -28.54 -13.18 -4.47
C ASP B 109 -27.41 -13.57 -5.42
N SER B 110 -26.30 -13.96 -4.88
CA SER B 110 -25.00 -13.90 -5.42
C SER B 110 -24.82 -14.71 -6.69
N ASN B 111 -25.39 -15.91 -6.70
CA ASN B 111 -25.13 -16.82 -7.83
C ASN B 111 -25.63 -16.21 -9.13
N ALA B 112 -26.87 -15.75 -9.16
CA ALA B 112 -27.36 -15.04 -10.34
C ALA B 112 -26.59 -13.74 -10.50
N VAL B 113 -26.45 -12.96 -9.49
CA VAL B 113 -25.85 -11.69 -9.45
C VAL B 113 -24.42 -11.76 -9.94
N SER B 114 -23.64 -12.61 -9.38
CA SER B 114 -22.29 -12.87 -9.70
C SER B 114 -22.09 -13.40 -11.09
N ASP B 115 -22.94 -14.34 -11.50
CA ASP B 115 -22.86 -14.86 -12.86
C ASP B 115 -23.10 -13.77 -13.88
N VAL B 116 -24.16 -12.99 -13.70
CA VAL B 116 -24.42 -11.86 -14.58
C VAL B 116 -23.26 -10.88 -14.55
N MET B 117 -22.74 -10.51 -13.43
CA MET B 117 -21.65 -9.64 -13.24
C MET B 117 -20.46 -10.05 -14.07
N ARG B 118 -20.04 -11.26 -13.95
CA ARG B 118 -18.98 -11.87 -14.67
C ARG B 118 -19.20 -11.84 -16.16
N ASP B 119 -20.40 -12.23 -16.57
CA ASP B 119 -20.72 -12.25 -18.00
C ASP B 119 -20.67 -10.85 -18.61
N ILE B 120 -21.33 -9.88 -17.97
CA ILE B 120 -21.33 -8.52 -18.48
C ILE B 120 -19.96 -7.87 -18.36
N ARG B 121 -19.15 -8.20 -17.42
CA ARG B 121 -17.80 -7.83 -17.29
C ARG B 121 -17.00 -8.26 -18.49
N LYS B 122 -17.10 -9.55 -18.80
CA LYS B 122 -16.45 -10.08 -19.99
C LYS B 122 -16.92 -9.35 -21.25
N GLU B 123 -18.23 -9.18 -21.40
CA GLU B 123 -18.77 -8.50 -22.57
C GLU B 123 -18.31 -7.05 -22.69
N ASN B 124 -18.15 -6.35 -21.56
CA ASN B 124 -17.64 -4.99 -21.60
C ASN B 124 -16.15 -4.94 -21.91
N VAL B 125 -15.37 -5.83 -21.31
CA VAL B 125 -13.94 -5.89 -21.60
C VAL B 125 -13.73 -6.22 -23.06
N ASP B 126 -14.64 -7.00 -23.65
CA ASP B 126 -14.60 -7.28 -25.08
C ASP B 126 -14.68 -6.02 -25.94
N ALA B 127 -15.11 -4.88 -25.38
CA ALA B 127 -15.05 -3.65 -26.15
C ALA B 127 -13.64 -3.12 -26.34
N GLY B 128 -12.67 -3.55 -25.53
CA GLY B 128 -11.32 -3.07 -25.70
C GLY B 128 -11.07 -1.62 -25.37
N GLU B 129 -11.94 -0.99 -24.57
CA GLU B 129 -11.82 0.43 -24.32
C GLU B 129 -10.58 0.76 -23.49
N ARG B 130 -10.12 2.00 -23.63
CA ARG B 130 -8.91 2.50 -22.99
C ARG B 130 -9.29 3.35 -21.79
N ALA B 131 -8.50 3.25 -20.74
CA ALA B 131 -8.38 4.34 -19.77
C ALA B 131 -7.79 5.60 -20.37
N LYS B 132 -8.61 6.62 -20.56
CA LYS B 132 -8.19 7.85 -21.21
C LYS B 132 -7.38 8.69 -20.23
N GLN B 133 -6.54 9.58 -20.78
CA GLN B 133 -5.60 10.33 -19.97
C GLN B 133 -5.64 11.81 -20.35
N ALA B 134 -5.54 12.67 -19.34
CA ALA B 134 -5.64 14.11 -19.52
C ALA B 134 -4.55 14.65 -20.45
N LEU B 135 -4.85 15.76 -21.09
CA LEU B 135 -3.88 16.47 -21.92
C LEU B 135 -2.70 16.95 -21.09
N ALA B 136 -1.50 16.56 -21.51
CA ALA B 136 -0.26 16.97 -20.87
C ALA B 136 0.04 18.46 -21.05
N PHE B 137 0.84 18.98 -20.12
CA PHE B 137 1.37 20.34 -20.13
C PHE B 137 2.87 20.31 -19.88
N GLU B 138 3.63 21.11 -20.62
CA GLU B 138 5.07 21.06 -20.59
C GLU B 138 5.68 22.32 -20.00
N ARG B 139 6.91 22.18 -19.50
CA ARG B 139 7.83 23.29 -19.39
C ARG B 139 7.87 24.14 -20.65
N THR B 140 7.92 23.50 -21.82
CA THR B 140 7.90 24.25 -23.07
C THR B 140 6.64 25.10 -23.21
N ASP B 141 5.49 24.51 -22.91
CA ASP B 141 4.24 25.25 -22.88
C ASP B 141 4.29 26.38 -21.87
N PHE B 142 4.79 26.09 -20.67
CA PHE B 142 5.02 27.11 -19.67
C PHE B 142 5.84 28.28 -20.19
N ASP B 143 7.01 27.99 -20.74
CA ASP B 143 7.84 28.99 -21.39
C ASP B 143 7.08 29.81 -22.42
N GLN B 144 6.31 29.14 -23.26
CA GLN B 144 5.54 29.85 -24.29
C GLN B 144 4.52 30.81 -23.70
N VAL B 145 3.66 30.29 -22.83
CA VAL B 145 2.65 31.12 -22.18
C VAL B 145 3.28 32.25 -21.38
N ARG B 146 4.39 31.98 -20.70
CA ARG B 146 5.09 33.04 -19.98
C ARG B 146 5.59 34.12 -20.93
N SER B 147 6.24 33.72 -22.02
CA SER B 147 6.68 34.71 -23.00
C SER B 147 5.51 35.52 -23.52
N LEU B 148 4.37 34.86 -23.74
CA LEU B 148 3.17 35.56 -24.21
C LEU B 148 2.66 36.57 -23.20
N MET B 149 2.50 36.15 -21.94
CA MET B 149 1.73 36.91 -20.97
C MET B 149 2.58 37.77 -20.06
N GLU B 150 3.90 37.62 -20.07
CA GLU B 150 4.76 38.40 -19.18
C GLU B 150 4.54 39.89 -19.39
N ASN B 151 4.13 40.29 -20.59
CA ASN B 151 3.83 41.69 -20.82
C ASN B 151 2.57 42.14 -20.08
N SER B 152 1.76 41.22 -19.59
CA SER B 152 0.42 41.57 -19.15
C SER B 152 0.49 42.40 -17.86
N ASP B 153 -0.23 43.51 -17.85
CA ASP B 153 -0.38 44.35 -16.67
C ASP B 153 -1.49 43.92 -15.73
N ARG B 154 -2.50 43.19 -16.22
CA ARG B 154 -3.66 42.88 -15.39
C ARG B 154 -3.29 41.97 -14.23
N CYS B 155 -3.54 42.47 -13.02
CA CYS B 155 -3.12 41.76 -11.83
C CYS B 155 -3.80 40.41 -11.75
N GLN B 156 -5.02 40.30 -12.29
CA GLN B 156 -5.67 38.99 -12.37
C GLN B 156 -4.90 38.02 -13.26
N ASP B 157 -4.28 38.54 -14.31
CA ASP B 157 -3.42 37.70 -15.13
C ASP B 157 -2.17 37.31 -14.36
N ILE B 158 -1.61 38.25 -13.60
CA ILE B 158 -0.45 37.92 -12.77
C ILE B 158 -0.83 36.86 -11.74
N ARG B 159 -1.99 37.01 -11.13
CA ARG B 159 -2.55 35.99 -10.23
C ARG B 159 -2.56 34.62 -10.88
N ASN B 160 -3.25 34.52 -12.02
CA ASN B 160 -3.36 33.24 -12.73
C ASN B 160 -1.99 32.64 -13.03
N LEU B 161 -1.10 33.44 -13.61
CA LEU B 161 0.24 32.95 -13.91
C LEU B 161 1.01 32.50 -12.67
N ALA B 162 0.99 33.30 -11.61
CA ALA B 162 1.59 32.90 -10.34
C ALA B 162 1.04 31.58 -9.85
N PHE B 163 -0.28 31.46 -9.82
CA PHE B 163 -0.95 30.20 -9.54
C PHE B 163 -0.40 29.03 -10.35
N LEU B 164 -0.43 29.15 -11.67
CA LEU B 164 0.08 28.08 -12.53
C LEU B 164 1.54 27.73 -12.27
N GLY B 165 2.40 28.74 -12.10
CA GLY B 165 3.79 28.47 -11.77
C GLY B 165 4.01 27.76 -10.46
N ILE B 166 3.20 28.10 -9.45
CA ILE B 166 3.16 27.30 -8.24
C ILE B 166 2.72 25.87 -8.52
N ALA B 167 1.60 25.73 -9.25
CA ALA B 167 1.05 24.40 -9.49
C ALA B 167 2.10 23.51 -10.14
N TYR B 168 2.76 24.01 -11.17
CA TYR B 168 3.77 23.23 -11.86
C TYR B 168 5.02 23.06 -11.01
N ASN B 169 5.24 23.92 -10.01
CA ASN B 169 6.30 23.65 -9.04
C ASN B 169 5.92 22.54 -8.06
N THR B 170 4.63 22.30 -7.84
CA THR B 170 4.22 21.55 -6.65
C THR B 170 3.29 20.38 -6.96
N LEU B 171 2.43 20.51 -7.98
CA LEU B 171 1.89 19.35 -8.68
C LEU B 171 1.07 18.47 -7.73
N LEU B 172 -0.04 19.04 -7.26
CA LEU B 172 -0.82 18.53 -6.14
C LEU B 172 -2.24 18.21 -6.59
N ARG B 173 -3.11 17.90 -5.63
CA ARG B 173 -4.54 18.15 -5.82
C ARG B 173 -4.81 19.65 -5.99
N ILE B 174 -5.81 19.93 -6.83
CA ILE B 174 -6.37 21.27 -6.89
C ILE B 174 -6.92 21.69 -5.52
N ALA B 175 -7.49 20.74 -4.78
CA ALA B 175 -7.97 21.06 -3.44
C ALA B 175 -6.83 21.46 -2.52
N GLU B 176 -5.68 20.79 -2.65
CA GLU B 176 -4.55 21.08 -1.78
C GLU B 176 -4.07 22.51 -2.01
N ILE B 177 -3.89 22.89 -3.28
CA ILE B 177 -3.50 24.26 -3.57
C ILE B 177 -4.59 25.24 -3.14
N ALA B 178 -5.86 24.82 -3.19
CA ALA B 178 -6.92 25.69 -2.70
C ALA B 178 -6.75 25.99 -1.22
N ARG B 179 -6.40 24.97 -0.44
CA ARG B 179 -6.31 25.14 1.01
C ARG B 179 -5.31 26.23 1.38
N ILE B 180 -4.31 26.43 0.54
CA ILE B 180 -3.10 27.14 0.95
C ILE B 180 -3.43 28.55 1.42
N ARG B 181 -2.83 28.91 2.56
CA ARG B 181 -3.15 30.10 3.32
C ARG B 181 -1.86 30.86 3.57
N VAL B 182 -1.94 32.18 3.54
CA VAL B 182 -0.72 32.99 3.64
C VAL B 182 0.10 32.63 4.87
N LYS B 183 -0.58 32.32 5.99
CA LYS B 183 0.11 31.76 7.14
C LYS B 183 0.98 30.55 6.81
N ASP B 184 0.65 29.83 5.74
CA ASP B 184 1.43 28.68 5.31
C ASP B 184 2.81 29.04 4.77
N ILE B 185 3.01 30.27 4.31
CA ILE B 185 4.03 30.61 3.33
C ILE B 185 5.16 31.38 3.99
N SER B 186 6.39 31.02 3.64
CA SER B 186 7.57 31.72 4.11
C SER B 186 8.62 31.71 3.01
N ARG B 187 9.56 32.65 3.11
CA ARG B 187 10.66 32.76 2.15
C ARG B 187 11.96 33.08 2.88
N THR B 188 13.07 32.75 2.21
CA THR B 188 14.33 32.45 2.87
C THR B 188 15.47 32.87 1.95
N ASP B 189 16.66 32.31 2.20
CA ASP B 189 17.86 32.71 1.49
C ASP B 189 17.68 32.64 -0.02
N GLY B 190 18.37 33.53 -0.73
CA GLY B 190 18.19 33.71 -2.15
C GLY B 190 16.81 34.21 -2.51
N GLY B 191 15.99 34.49 -1.49
CA GLY B 191 14.60 34.76 -1.70
C GLY B 191 13.77 33.52 -1.94
N ARG B 192 14.34 32.34 -1.70
CA ARG B 192 13.59 31.11 -1.87
C ARG B 192 12.41 31.10 -0.92
N MET B 193 11.34 30.41 -1.34
CA MET B 193 10.10 30.38 -0.61
C MET B 193 9.71 28.94 -0.34
N LEU B 194 9.27 28.68 0.89
CA LEU B 194 8.97 27.33 1.32
C LEU B 194 7.59 27.31 1.94
N ILE B 195 6.82 26.27 1.64
CA ILE B 195 5.46 26.13 2.12
C ILE B 195 5.27 24.73 2.65
N HIS B 196 4.77 24.63 3.88
CA HIS B 196 4.49 23.34 4.51
C HIS B 196 3.00 23.05 4.34
N ILE B 197 2.70 21.84 3.89
CA ILE B 197 1.36 21.48 3.45
C ILE B 197 1.02 20.06 3.88
N GLY B 198 -0.28 19.82 4.06
CA GLY B 198 -0.74 18.55 4.56
C GLY B 198 -0.60 18.46 6.07
N ARG B 199 -0.43 17.25 6.57
CA ARG B 199 -0.39 17.02 8.01
C ARG B 199 0.71 17.84 8.67
N GLY B 208 3.22 16.65 7.42
CA GLY B 208 3.09 17.29 6.13
C GLY B 208 4.43 17.44 5.43
N VAL B 209 4.44 18.21 4.35
CA VAL B 209 5.62 18.38 3.52
C VAL B 209 5.82 19.87 3.27
N GLU B 210 7.07 20.32 3.32
CA GLU B 210 7.46 21.64 2.87
C GLU B 210 8.09 21.57 1.48
N LYS B 211 7.59 22.39 0.57
CA LYS B 211 8.06 22.47 -0.81
C LYS B 211 8.60 23.87 -1.11
N ALA B 212 9.48 23.91 -2.12
CA ALA B 212 10.27 25.08 -2.48
C ALA B 212 9.86 25.59 -3.86
N LEU B 213 9.91 26.91 -4.01
CA LEU B 213 9.53 27.62 -5.22
C LEU B 213 10.74 28.18 -5.94
N SER B 214 10.85 27.85 -7.22
CA SER B 214 12.00 28.26 -8.02
C SER B 214 11.94 29.75 -8.36
N LEU B 215 13.12 30.35 -8.40
CA LEU B 215 13.28 31.81 -8.29
C LEU B 215 12.38 32.61 -9.23
N GLY B 216 12.41 32.32 -10.53
CA GLY B 216 11.55 33.07 -11.45
C GLY B 216 10.08 33.08 -11.10
N VAL B 217 9.52 31.91 -10.77
CA VAL B 217 8.15 31.89 -10.27
C VAL B 217 8.02 32.53 -8.88
N THR B 218 9.06 32.50 -8.05
CA THR B 218 9.03 33.32 -6.85
C THR B 218 8.83 34.79 -7.18
N LYS B 219 9.58 35.30 -8.16
CA LYS B 219 9.42 36.69 -8.55
C LYS B 219 8.03 36.96 -9.11
N LEU B 220 7.52 36.03 -9.91
CA LEU B 220 6.15 36.10 -10.40
C LEU B 220 5.12 36.23 -9.27
N VAL B 221 5.14 35.30 -8.33
CA VAL B 221 4.21 35.31 -7.20
C VAL B 221 4.40 36.54 -6.32
N GLU B 222 5.64 36.96 -6.09
CA GLU B 222 5.87 38.22 -5.39
C GLU B 222 5.25 39.40 -6.11
N ARG B 223 5.38 39.47 -7.43
CA ARG B 223 4.71 40.54 -8.17
C ARG B 223 3.22 40.49 -7.92
N TRP B 224 2.63 39.30 -8.04
CA TRP B 224 1.22 39.14 -7.72
C TRP B 224 0.88 39.66 -6.34
N ILE B 225 1.61 39.21 -5.32
CA ILE B 225 1.30 39.56 -3.94
C ILE B 225 1.42 41.06 -3.73
N SER B 226 2.53 41.64 -4.18
CA SER B 226 2.77 43.05 -3.92
C SER B 226 1.78 43.93 -4.66
N VAL B 227 1.45 43.58 -5.90
CA VAL B 227 0.50 44.38 -6.66
C VAL B 227 -0.91 44.21 -6.12
N SER B 228 -1.31 43.00 -5.76
CA SER B 228 -2.65 42.79 -5.24
C SER B 228 -2.84 43.35 -3.83
N GLY B 229 -1.81 43.33 -2.99
CA GLY B 229 -2.04 43.64 -1.59
C GLY B 229 -2.91 42.64 -0.89
N VAL B 230 -3.14 41.48 -1.50
CA VAL B 230 -4.08 40.50 -0.96
C VAL B 230 -3.55 39.90 0.34
N ALA B 231 -4.47 39.64 1.27
CA ALA B 231 -4.18 38.83 2.45
C ALA B 231 -3.06 39.43 3.28
N ASP B 232 -3.32 40.64 3.79
CA ASP B 232 -2.41 41.23 4.77
C ASP B 232 -2.38 40.44 6.06
N ASP B 233 -3.51 39.93 6.52
CA ASP B 233 -3.47 38.95 7.60
C ASP B 233 -3.03 37.60 7.06
N PRO B 234 -2.08 36.92 7.71
CA PRO B 234 -1.65 35.62 7.18
C PRO B 234 -2.73 34.57 7.28
N ASN B 235 -3.74 34.82 8.10
CA ASN B 235 -4.98 34.04 8.01
C ASN B 235 -5.52 34.04 6.58
N ASN B 236 -5.37 35.15 5.88
CA ASN B 236 -6.07 35.30 4.62
C ASN B 236 -5.37 34.55 3.50
N TYR B 237 -6.17 34.14 2.52
CA TYR B 237 -5.69 33.30 1.42
C TYR B 237 -5.01 34.13 0.35
N LEU B 238 -4.02 33.51 -0.28
CA LEU B 238 -3.23 34.18 -1.31
C LEU B 238 -4.06 34.62 -2.51
N PHE B 239 -4.99 33.78 -2.97
CA PHE B 239 -5.86 34.10 -4.09
C PHE B 239 -7.28 34.37 -3.61
N CYS B 240 -7.82 35.51 -4.06
CA CYS B 240 -9.15 35.96 -3.68
C CYS B 240 -9.82 36.57 -4.90
N ARG B 241 -11.11 36.84 -4.79
CA ARG B 241 -11.89 37.24 -5.94
C ARG B 241 -11.34 38.52 -6.60
N VAL B 242 -11.52 38.59 -7.91
CA VAL B 242 -11.31 39.79 -8.70
C VAL B 242 -12.67 40.31 -9.15
N ARG B 243 -12.71 41.61 -9.45
CA ARG B 243 -13.90 42.24 -10.00
C ARG B 243 -13.65 42.76 -11.42
N LYS B 244 -14.71 42.75 -12.23
CA LYS B 244 -14.62 43.30 -13.57
C LYS B 244 -14.15 44.74 -13.58
N ASN B 245 -14.28 45.43 -12.45
CA ASN B 245 -13.68 46.76 -12.27
C ASN B 245 -12.17 46.74 -12.45
N GLY B 246 -11.55 45.56 -12.48
CA GLY B 246 -10.12 45.45 -12.35
C GLY B 246 -9.71 45.56 -10.90
N VAL B 247 -10.52 45.00 -10.00
CA VAL B 247 -10.33 45.14 -8.57
C VAL B 247 -10.35 43.74 -7.97
N ALA B 248 -9.57 43.56 -6.91
CA ALA B 248 -9.54 42.30 -6.18
C ALA B 248 -10.06 42.54 -4.77
N ALA B 249 -10.77 41.54 -4.25
CA ALA B 249 -11.27 41.56 -2.89
C ALA B 249 -10.62 40.42 -2.12
N PRO B 250 -9.86 40.68 -1.06
CA PRO B 250 -9.24 39.58 -0.32
C PRO B 250 -10.28 38.76 0.40
N SER B 251 -9.91 37.54 0.75
CA SER B 251 -10.79 36.66 1.52
C SER B 251 -10.05 36.06 2.70
N ALA B 252 -10.68 36.16 3.87
CA ALA B 252 -10.20 35.48 5.06
C ALA B 252 -10.61 34.01 5.06
N THR B 253 -11.38 33.59 4.06
CA THR B 253 -11.91 32.25 3.96
C THR B 253 -11.63 31.68 2.57
N SER B 254 -11.50 30.35 2.53
CA SER B 254 -11.39 29.63 1.27
C SER B 254 -12.60 29.87 0.38
N GLN B 255 -12.34 30.31 -0.86
CA GLN B 255 -13.38 30.65 -1.82
C GLN B 255 -13.79 29.47 -2.70
N LEU B 256 -13.13 28.33 -2.57
CA LEU B 256 -13.39 27.16 -3.40
C LEU B 256 -13.24 27.51 -4.88
N SER B 257 -12.22 28.30 -5.16
CA SER B 257 -11.93 28.77 -6.52
C SER B 257 -11.89 27.61 -7.50
N THR B 258 -11.53 26.42 -7.02
CA THR B 258 -11.00 25.34 -7.85
C THR B 258 -11.73 25.16 -9.17
N ARG B 259 -13.05 25.17 -9.17
CA ARG B 259 -13.76 25.09 -10.43
C ARG B 259 -13.39 26.26 -11.34
N ALA B 260 -13.33 27.47 -10.77
CA ALA B 260 -12.82 28.63 -11.48
C ALA B 260 -11.38 28.43 -11.97
N LEU B 261 -10.54 27.79 -11.16
CA LEU B 261 -9.19 27.46 -11.62
C LEU B 261 -9.20 26.56 -12.85
N GLU B 262 -10.04 25.53 -12.83
CA GLU B 262 -10.32 24.76 -14.04
C GLU B 262 -10.73 25.65 -15.20
N GLY B 263 -11.62 26.60 -14.94
CA GLY B 263 -11.91 27.61 -15.95
C GLY B 263 -10.70 28.38 -16.46
N ILE B 264 -9.74 28.67 -15.58
CA ILE B 264 -8.46 29.24 -16.04
C ILE B 264 -7.78 28.31 -17.03
N PHE B 265 -7.62 27.05 -16.65
CA PHE B 265 -7.03 26.06 -17.55
C PHE B 265 -7.75 25.98 -18.89
N GLU B 266 -9.08 25.97 -18.86
CA GLU B 266 -9.85 25.98 -20.10
C GLU B 266 -9.62 27.25 -20.90
N ALA B 267 -9.63 28.40 -20.25
CA ALA B 267 -9.47 29.66 -20.96
C ALA B 267 -8.13 29.70 -21.67
N THR B 268 -7.07 29.32 -20.98
CA THR B 268 -5.75 29.30 -21.61
C THR B 268 -5.68 28.26 -22.72
N HIS B 269 -6.34 27.12 -22.56
CA HIS B 269 -6.44 26.18 -23.67
C HIS B 269 -7.13 26.81 -24.87
N ARG B 270 -8.23 27.52 -24.64
CA ARG B 270 -8.92 28.28 -25.68
C ARG B 270 -8.16 29.52 -26.14
N LEU B 271 -7.03 29.83 -25.53
CA LEU B 271 -6.11 30.84 -26.07
C LEU B 271 -5.13 30.19 -27.02
N ILE B 272 -4.55 29.06 -26.62
CA ILE B 272 -3.57 28.40 -27.46
C ILE B 272 -4.27 27.73 -28.64
N TYR B 273 -5.54 27.40 -28.46
CA TYR B 273 -6.37 26.74 -29.46
C TYR B 273 -7.70 27.46 -29.52
N GLY B 274 -8.50 27.09 -30.51
CA GLY B 274 -9.86 27.59 -30.56
C GLY B 274 -10.75 26.96 -29.53
N ALA B 275 -12.06 26.98 -29.77
CA ALA B 275 -13.00 26.29 -28.91
C ALA B 275 -12.75 24.78 -28.93
N LYS B 276 -13.34 24.11 -27.95
CA LYS B 276 -13.33 22.66 -27.91
C LYS B 276 -14.03 22.08 -29.14
N ASP B 277 -13.67 20.84 -29.47
CA ASP B 277 -14.42 20.10 -30.46
C ASP B 277 -15.82 19.80 -29.93
N ASP B 278 -16.75 19.60 -30.85
CA ASP B 278 -18.12 19.25 -30.51
C ASP B 278 -18.28 17.80 -30.07
N SER B 279 -17.21 17.02 -29.99
CA SER B 279 -17.34 15.64 -29.57
C SER B 279 -17.76 15.51 -28.12
N GLY B 280 -17.54 16.54 -27.30
CA GLY B 280 -17.94 16.48 -25.92
C GLY B 280 -17.15 15.50 -25.08
N GLN B 281 -16.07 14.94 -25.60
CA GLN B 281 -15.28 14.00 -24.83
C GLN B 281 -14.55 14.72 -23.69
N ARG B 282 -14.15 13.94 -22.69
CA ARG B 282 -13.23 14.45 -21.69
C ARG B 282 -11.81 14.49 -22.23
N TYR B 283 -10.97 15.29 -21.56
CA TYR B 283 -9.56 15.43 -21.86
C TYR B 283 -9.32 16.07 -23.21
N LEU B 284 -10.32 16.79 -23.73
CA LEU B 284 -10.12 17.61 -24.91
C LEU B 284 -9.21 18.80 -24.61
N ALA B 285 -9.01 19.10 -23.33
CA ALA B 285 -8.18 20.21 -22.91
C ALA B 285 -7.47 19.83 -21.61
N TRP B 286 -6.61 20.72 -21.16
CA TRP B 286 -5.87 20.52 -19.91
C TRP B 286 -6.81 20.48 -18.71
N SER B 287 -6.50 19.59 -17.77
CA SER B 287 -7.28 19.37 -16.56
C SER B 287 -6.36 19.55 -15.35
N GLY B 288 -6.98 19.51 -14.17
CA GLY B 288 -6.19 19.59 -12.95
C GLY B 288 -5.08 18.56 -12.87
N HIS B 289 -5.32 17.37 -13.45
CA HIS B 289 -4.24 16.41 -13.62
C HIS B 289 -3.11 16.96 -14.49
N SER B 290 -3.45 17.82 -15.46
CA SER B 290 -2.54 18.05 -16.58
C SER B 290 -1.14 18.49 -16.15
N ALA B 291 -1.06 19.45 -15.22
CA ALA B 291 0.25 19.90 -14.75
C ALA B 291 1.04 18.78 -14.06
N ARG B 292 0.41 18.11 -13.10
CA ARG B 292 1.06 17.03 -12.37
C ARG B 292 1.53 15.91 -13.29
N VAL B 293 0.61 15.37 -14.10
CA VAL B 293 0.95 14.36 -15.10
C VAL B 293 2.05 14.83 -16.03
N GLY B 294 1.94 16.05 -16.55
CA GLY B 294 2.96 16.63 -17.39
C GLY B 294 4.35 16.65 -16.81
N ALA B 295 4.53 17.30 -15.66
CA ALA B 295 5.82 17.29 -14.99
C ALA B 295 6.29 15.88 -14.66
N ALA B 296 5.38 14.99 -14.28
CA ALA B 296 5.73 13.59 -14.08
C ALA B 296 6.37 12.95 -15.32
N ARG B 297 5.69 13.05 -16.46
CA ARG B 297 6.28 12.57 -17.72
C ARG B 297 7.58 13.28 -18.07
N ASP B 298 7.65 14.58 -17.81
CA ASP B 298 8.90 15.32 -18.00
C ASP B 298 10.07 14.70 -17.22
N MET B 299 9.88 14.47 -15.93
CA MET B 299 10.89 13.75 -15.14
C MET B 299 11.14 12.33 -15.65
N ALA B 300 10.08 11.62 -16.06
CA ALA B 300 10.28 10.29 -16.62
C ALA B 300 11.12 10.34 -17.89
N ARG B 301 10.96 11.37 -18.71
CA ARG B 301 11.82 11.56 -19.86
C ARG B 301 13.24 11.95 -19.41
N ALA B 302 13.35 12.67 -18.30
CA ALA B 302 14.64 12.84 -17.66
C ALA B 302 15.16 11.52 -17.11
N GLY B 303 14.28 10.57 -16.84
CA GLY B 303 14.68 9.20 -16.58
C GLY B 303 15.42 8.94 -15.29
N VAL B 304 15.03 9.60 -14.19
CA VAL B 304 15.84 9.64 -12.99
C VAL B 304 14.95 9.67 -11.76
N SER B 305 15.52 9.23 -10.64
CA SER B 305 15.00 9.51 -9.29
C SER B 305 13.62 8.89 -9.06
N ILE B 306 13.29 7.84 -9.79
CA ILE B 306 11.97 7.22 -9.82
C ILE B 306 11.35 7.15 -8.43
N PRO B 307 11.97 6.48 -7.47
CA PRO B 307 11.34 6.37 -6.15
C PRO B 307 11.21 7.69 -5.39
N GLU B 308 12.26 8.50 -5.34
CA GLU B 308 12.17 9.72 -4.55
C GLU B 308 11.25 10.75 -5.19
N ILE B 309 11.17 10.80 -6.51
CA ILE B 309 10.17 11.65 -7.17
C ILE B 309 8.76 11.11 -6.93
N MET B 310 8.57 9.80 -6.97
CA MET B 310 7.26 9.24 -6.62
C MET B 310 6.87 9.60 -5.19
N GLN B 311 7.81 9.49 -4.26
CA GLN B 311 7.66 10.04 -2.92
C GLN B 311 7.24 11.50 -2.93
N ALA B 312 7.99 12.36 -3.60
CA ALA B 312 7.64 13.77 -3.63
C ALA B 312 6.24 14.00 -4.18
N GLY B 313 5.82 13.25 -5.19
CA GLY B 313 4.44 13.28 -5.60
C GLY B 313 3.48 12.44 -4.77
N GLY B 314 3.99 11.61 -3.87
CA GLY B 314 3.13 10.90 -2.94
C GLY B 314 2.40 9.69 -3.49
N TRP B 315 2.65 9.29 -4.74
CA TRP B 315 1.99 8.09 -5.24
C TRP B 315 2.50 6.85 -4.51
N THR B 316 1.57 5.99 -4.14
CA THR B 316 1.89 4.57 -4.05
C THR B 316 2.05 3.94 -5.43
N ASN B 317 3.07 3.10 -5.55
CA ASN B 317 3.46 2.49 -6.81
C ASN B 317 2.27 1.82 -7.48
N VAL B 318 1.98 2.24 -8.71
CA VAL B 318 0.78 1.80 -9.40
C VAL B 318 1.02 1.86 -10.90
N ASN B 319 0.40 0.93 -11.61
CA ASN B 319 0.49 0.88 -13.07
C ASN B 319 0.08 2.20 -13.71
N ILE B 320 -0.82 2.94 -13.06
CA ILE B 320 -1.18 4.28 -13.54
C ILE B 320 0.05 5.16 -13.72
N VAL B 321 0.93 5.15 -12.72
CA VAL B 321 2.21 5.85 -12.84
C VAL B 321 2.95 5.39 -14.09
N MET B 322 3.06 4.07 -14.28
CA MET B 322 3.68 3.52 -15.48
C MET B 322 3.05 4.04 -16.76
N ASN B 323 1.72 4.10 -16.82
CA ASN B 323 1.08 4.58 -18.04
C ASN B 323 1.11 6.09 -18.20
N TYR B 324 1.49 6.83 -17.17
CA TYR B 324 2.02 8.17 -17.39
C TYR B 324 3.42 8.10 -17.96
N ILE B 325 4.22 7.16 -17.47
CA ILE B 325 5.61 7.06 -17.86
C ILE B 325 5.74 6.34 -19.19
N ARG B 326 4.82 5.41 -19.48
CA ARG B 326 5.09 4.39 -20.48
C ARG B 326 5.53 5.02 -21.79
N ASN B 327 4.93 6.14 -22.15
CA ASN B 327 5.30 6.86 -23.38
C ASN B 327 5.85 8.22 -23.01
#